data_3S6M
#
_entry.id   3S6M
#
_cell.length_a   80.657
_cell.length_b   80.657
_cell.length_c   43.338
_cell.angle_alpha   90.000
_cell.angle_beta   90.000
_cell.angle_gamma   120.000
#
_symmetry.space_group_name_H-M   'P 63'
#
loop_
_entity.id
_entity.type
_entity.pdbx_description
1 polymer 'Peptidyl-prolyl cis-trans isomerase'
2 non-polymer 1,2-ETHANEDIOL
3 non-polymer DI(HYDROXYETHYL)ETHER
4 water water
#
_entity_poly.entity_id   1
_entity_poly.type   'polypeptide(L)'
_entity_poly.pdbx_seq_one_letter_code
;GPGSMVELHTNHGVIKLELDEAKAPKTVENFLNYVKKGHYDGTIFHRVINGFMIQGGGFEPGLKQKPTDAPIANEANNGL
KNDTYTIAMARTNDPHSATAQFFINVNDNEFLNHSSPTPQGWGYAVFGKVVEGQDIVDKIKAVKTGSKGFHQDVPNDDVV
IEKAVVV
;
_entity_poly.pdbx_strand_id   A
#
loop_
_chem_comp.id
_chem_comp.type
_chem_comp.name
_chem_comp.formula
EDO non-polymer 1,2-ETHANEDIOL 'C2 H6 O2'
PEG non-polymer DI(HYDROXYETHYL)ETHER 'C4 H10 O3'
#
# COMPACT_ATOMS: atom_id res chain seq x y z
N PRO A 2 17.94 -5.05 -6.24
CA PRO A 2 18.65 -3.80 -6.01
C PRO A 2 17.76 -2.55 -5.96
N GLY A 3 16.51 -2.68 -5.53
CA GLY A 3 15.62 -1.54 -5.43
C GLY A 3 15.79 -0.86 -4.09
N SER A 4 15.23 0.35 -3.97
CA SER A 4 15.15 1.04 -2.68
C SER A 4 14.45 0.12 -1.68
N MET A 5 14.78 0.26 -0.40
CA MET A 5 14.27 -0.62 0.65
CA MET A 5 14.21 -0.61 0.62
C MET A 5 13.63 0.22 1.75
N VAL A 6 12.45 -0.19 2.20
CA VAL A 6 11.75 0.54 3.25
C VAL A 6 11.28 -0.47 4.28
N GLU A 7 11.40 -0.13 5.56
CA GLU A 7 10.87 -0.96 6.63
C GLU A 7 9.67 -0.27 7.24
N LEU A 8 8.55 -0.97 7.27
CA LEU A 8 7.39 -0.52 8.04
C LEU A 8 7.43 -1.21 9.40
N HIS A 9 7.73 -0.43 10.44
CA HIS A 9 7.78 -0.96 11.78
C HIS A 9 6.37 -0.85 12.35
N THR A 10 5.62 -1.94 12.28
CA THR A 10 4.26 -1.97 12.79
C THR A 10 4.22 -2.45 14.23
N ASN A 11 3.07 -2.30 14.88
CA ASN A 11 2.90 -2.89 16.22
C ASN A 11 2.83 -4.42 16.26
N HIS A 12 2.84 -5.06 15.08
CA HIS A 12 2.94 -6.51 14.90
C HIS A 12 4.30 -6.99 14.35
N GLY A 13 5.26 -6.08 14.16
CA GLY A 13 6.56 -6.41 13.59
C GLY A 13 6.87 -5.66 12.32
N VAL A 14 8.05 -5.95 11.78
CA VAL A 14 8.56 -5.23 10.61
C VAL A 14 8.19 -5.90 9.29
N ILE A 15 7.66 -5.11 8.38
CA ILE A 15 7.42 -5.52 7.01
C ILE A 15 8.48 -4.79 6.19
N LYS A 16 9.34 -5.53 5.49
CA LYS A 16 10.37 -4.93 4.67
C LYS A 16 9.99 -5.01 3.19
N LEU A 17 10.06 -3.87 2.53
CA LEU A 17 9.68 -3.71 1.14
C LEU A 17 10.91 -3.46 0.28
N GLU A 18 10.94 -4.11 -0.88
CA GLU A 18 11.87 -3.75 -1.92
C GLU A 18 11.08 -3.10 -3.02
N LEU A 19 11.48 -1.89 -3.41
CA LEU A 19 10.74 -1.10 -4.37
C LEU A 19 11.36 -1.23 -5.77
N ASP A 20 10.58 -0.92 -6.80
CA ASP A 20 11.07 -1.02 -8.18
C ASP A 20 11.01 0.33 -8.87
N GLU A 21 12.02 1.18 -8.62
CA GLU A 21 12.02 2.52 -9.19
C GLU A 21 12.23 2.49 -10.70
N ALA A 22 12.83 1.42 -11.22
CA ALA A 22 12.99 1.33 -12.69
C ALA A 22 11.63 1.22 -13.39
N LYS A 23 10.71 0.46 -12.81
CA LYS A 23 9.42 0.23 -13.43
C LYS A 23 8.32 1.18 -12.94
N ALA A 24 8.52 1.77 -11.77
CA ALA A 24 7.53 2.67 -11.21
C ALA A 24 8.22 3.92 -10.63
N PRO A 25 8.88 4.70 -11.49
CA PRO A 25 9.71 5.78 -10.96
C PRO A 25 8.99 6.89 -10.17
N LYS A 26 7.87 7.38 -10.71
CA LYS A 26 7.11 8.42 -10.02
C LYS A 26 6.48 7.87 -8.75
N THR A 27 5.98 6.63 -8.84
CA THR A 27 5.34 6.00 -7.69
C THR A 27 6.32 5.76 -6.55
N VAL A 28 7.51 5.28 -6.88
CA VAL A 28 8.54 5.05 -5.85
C VAL A 28 9.02 6.37 -5.24
N GLU A 29 9.24 7.37 -6.08
CA GLU A 29 9.62 8.71 -5.59
C GLU A 29 8.59 9.26 -4.61
N ASN A 30 7.32 9.17 -4.99
CA ASN A 30 6.21 9.65 -4.19
C ASN A 30 6.15 8.93 -2.87
N PHE A 31 6.25 7.58 -2.92
CA PHE A 31 6.23 6.76 -1.68
C PHE A 31 7.40 7.13 -0.75
N LEU A 32 8.61 7.19 -1.29
CA LEU A 32 9.79 7.56 -0.51
C LEU A 32 9.67 8.95 0.07
N ASN A 33 9.06 9.88 -0.68
CA ASN A 33 8.80 11.22 -0.15
C ASN A 33 7.95 11.15 1.11
N TYR A 34 6.89 10.35 1.09
CA TYR A 34 6.01 10.21 2.25
C TYR A 34 6.75 9.55 3.43
N VAL A 35 7.54 8.52 3.13
CA VAL A 35 8.35 7.84 4.15
C VAL A 35 9.28 8.85 4.82
N LYS A 36 10.02 9.59 3.99
CA LYS A 36 11.04 10.53 4.54
C LYS A 36 10.43 11.69 5.29
N LYS A 37 9.24 12.09 4.89
CA LYS A 37 8.52 13.18 5.53
C LYS A 37 7.98 12.75 6.90
N GLY A 38 7.98 11.45 7.17
CA GLY A 38 7.40 10.90 8.39
C GLY A 38 5.90 10.66 8.31
N HIS A 39 5.34 10.77 7.10
CA HIS A 39 3.88 10.64 6.90
C HIS A 39 3.31 9.37 7.45
N TYR A 40 3.97 8.24 7.19
CA TYR A 40 3.38 6.95 7.58
C TYR A 40 3.46 6.69 9.07
N ASP A 41 4.28 7.46 9.78
CA ASP A 41 4.49 7.23 11.21
C ASP A 41 3.22 7.58 11.97
N GLY A 42 2.66 6.60 12.67
CA GLY A 42 1.41 6.82 13.38
C GLY A 42 0.16 6.64 12.56
N THR A 43 0.31 6.10 11.35
CA THR A 43 -0.88 5.73 10.56
C THR A 43 -1.23 4.28 10.80
N ILE A 44 -2.40 3.88 10.34
CA ILE A 44 -2.88 2.52 10.57
C ILE A 44 -3.21 1.81 9.26
N PHE A 45 -3.40 0.49 9.34
CA PHE A 45 -4.06 -0.26 8.27
C PHE A 45 -5.56 -0.22 8.59
N HIS A 46 -6.29 0.67 7.92
CA HIS A 46 -7.70 0.91 8.24
C HIS A 46 -8.66 0.00 7.49
N ARG A 47 -8.18 -0.72 6.50
CA ARG A 47 -9.02 -1.59 5.68
C ARG A 47 -8.29 -2.90 5.47
N VAL A 48 -8.79 -3.95 6.14
CA VAL A 48 -8.17 -5.28 6.12
C VAL A 48 -9.21 -6.28 5.66
N ILE A 49 -8.95 -6.94 4.54
CA ILE A 49 -9.86 -7.94 3.99
C ILE A 49 -9.06 -9.19 3.67
N ASN A 50 -9.21 -10.21 4.51
CA ASN A 50 -8.47 -11.44 4.37
C ASN A 50 -8.86 -12.07 3.04
N GLY A 51 -7.88 -12.67 2.38
CA GLY A 51 -8.11 -13.19 1.02
C GLY A 51 -8.03 -12.15 -0.07
N PHE A 52 -7.77 -10.88 0.30
CA PHE A 52 -7.79 -9.79 -0.68
C PHE A 52 -6.58 -8.88 -0.48
N MET A 53 -6.64 -7.97 0.49
CA MET A 53 -5.53 -7.03 0.67
C MET A 53 -5.65 -6.33 2.02
N ILE A 54 -4.56 -5.69 2.41
CA ILE A 54 -4.50 -4.83 3.59
C ILE A 54 -4.06 -3.45 3.13
N GLN A 55 -4.83 -2.43 3.53
CA GLN A 55 -4.62 -1.08 3.05
C GLN A 55 -4.37 -0.13 4.23
N GLY A 56 -3.40 0.75 4.08
CA GLY A 56 -3.07 1.69 5.15
C GLY A 56 -2.27 2.88 4.69
N GLY A 57 -1.71 3.58 5.67
CA GLY A 57 -0.87 4.74 5.42
C GLY A 57 -1.61 6.05 5.22
N GLY A 58 -2.93 6.07 5.47
CA GLY A 58 -3.73 7.28 5.31
C GLY A 58 -4.31 7.90 6.56
N PHE A 59 -4.73 7.05 7.48
CA PHE A 59 -5.49 7.46 8.66
C PHE A 59 -4.73 7.17 9.91
N GLU A 60 -4.92 8.04 10.90
CA GLU A 60 -4.41 7.85 12.25
C GLU A 60 -5.44 7.08 13.03
N PRO A 61 -5.07 6.61 14.22
CA PRO A 61 -6.09 6.01 15.09
C PRO A 61 -7.27 6.96 15.26
N GLY A 62 -8.49 6.42 15.32
CA GLY A 62 -9.71 7.22 15.33
C GLY A 62 -10.17 7.69 13.97
N LEU A 63 -9.43 7.27 12.94
CA LEU A 63 -9.78 7.52 11.55
C LEU A 63 -9.70 9.01 11.20
N LYS A 64 -8.71 9.67 11.78
CA LYS A 64 -8.34 11.04 11.37
C LYS A 64 -7.40 10.94 10.17
N GLN A 65 -7.75 11.55 9.05
CA GLN A 65 -6.94 11.45 7.85
C GLN A 65 -5.76 12.45 7.94
N LYS A 66 -4.55 11.96 7.67
CA LYS A 66 -3.39 12.85 7.58
C LYS A 66 -3.39 13.61 6.26
N PRO A 67 -3.05 14.90 6.28
CA PRO A 67 -3.01 15.66 5.05
C PRO A 67 -2.03 15.03 4.05
N THR A 68 -2.39 15.01 2.79
CA THR A 68 -1.42 14.59 1.76
C THR A 68 -1.15 15.70 0.76
N ASP A 69 -0.12 15.45 -0.04
CA ASP A 69 0.31 16.31 -1.12
C ASP A 69 -0.44 15.93 -2.39
N ALA A 70 -0.09 16.59 -3.49
CA ALA A 70 -0.82 16.44 -4.75
C ALA A 70 -0.73 15.02 -5.28
N PRO A 71 -1.81 14.55 -5.92
CA PRO A 71 -1.82 13.19 -6.46
C PRO A 71 -0.88 12.97 -7.64
N ILE A 72 -0.53 11.71 -7.85
CA ILE A 72 0.41 11.35 -8.92
C ILE A 72 -0.27 10.60 -10.05
N ALA A 73 0.40 10.59 -11.20
CA ALA A 73 -0.06 9.83 -12.35
C ALA A 73 0.06 8.34 -12.06
N ASN A 74 -0.84 7.60 -12.68
CA ASN A 74 -0.93 6.16 -12.54
C ASN A 74 0.12 5.49 -13.42
N GLU A 75 0.96 4.67 -12.79
CA GLU A 75 1.99 3.89 -13.49
C GLU A 75 1.66 2.39 -13.59
N ALA A 76 0.37 2.04 -13.54
CA ALA A 76 -0.07 0.65 -13.50
C ALA A 76 0.20 -0.06 -14.82
N ASN A 77 0.49 0.72 -15.87
CA ASN A 77 0.86 0.13 -17.15
C ASN A 77 2.31 -0.35 -17.18
N ASN A 78 2.94 -0.49 -16.03
CA ASN A 78 4.32 -0.97 -15.93
C ASN A 78 4.45 -2.49 -16.04
N GLY A 79 3.33 -3.18 -16.12
CA GLY A 79 3.33 -4.64 -16.26
C GLY A 79 3.41 -5.45 -14.97
N LEU A 80 3.65 -4.79 -13.86
CA LEU A 80 3.72 -5.47 -12.59
C LEU A 80 2.31 -5.79 -12.12
N LYS A 81 2.08 -7.05 -11.78
CA LYS A 81 0.77 -7.50 -11.37
C LYS A 81 0.59 -7.40 -9.87
N ASN A 82 -0.68 -7.23 -9.48
CA ASN A 82 -1.12 -7.21 -8.08
C ASN A 82 -1.19 -8.63 -7.46
N ASP A 83 -0.05 -9.28 -7.45
CA ASP A 83 0.07 -10.64 -6.93
C ASP A 83 0.39 -10.62 -5.44
N THR A 84 0.27 -11.78 -4.81
CA THR A 84 0.51 -11.89 -3.37
C THR A 84 1.84 -11.28 -2.96
N TYR A 85 1.75 -10.46 -1.91
CA TYR A 85 2.86 -9.71 -1.29
C TYR A 85 3.36 -8.48 -2.06
N THR A 86 2.75 -8.14 -3.19
CA THR A 86 3.10 -6.88 -3.85
C THR A 86 2.46 -5.70 -3.14
N ILE A 87 3.08 -4.52 -3.28
CA ILE A 87 2.54 -3.29 -2.74
C ILE A 87 2.12 -2.41 -3.91
N ALA A 88 0.97 -1.79 -3.76
CA ALA A 88 0.38 -0.94 -4.79
C ALA A 88 -0.24 0.31 -4.21
N MET A 89 -0.55 1.27 -5.07
CA MET A 89 -1.20 2.51 -4.60
C MET A 89 -2.72 2.45 -4.63
N ALA A 90 -3.33 2.76 -3.49
CA ALA A 90 -4.76 3.02 -3.41
C ALA A 90 -5.10 4.32 -4.15
N ARG A 91 -6.35 4.47 -4.51
CA ARG A 91 -6.80 5.67 -5.21
C ARG A 91 -8.32 5.70 -5.25
N THR A 92 -8.87 6.83 -5.66
CA THR A 92 -10.30 6.90 -5.91
C THR A 92 -10.60 6.38 -7.31
N ASN A 93 -11.84 6.51 -7.78
CA ASN A 93 -12.18 6.15 -9.17
C ASN A 93 -11.46 6.98 -10.24
N ASP A 94 -10.87 8.10 -9.84
CA ASP A 94 -10.06 8.90 -10.71
C ASP A 94 -8.71 8.19 -10.85
N PRO A 95 -8.32 7.78 -12.06
CA PRO A 95 -7.06 7.02 -12.18
C PRO A 95 -5.80 7.72 -11.68
N HIS A 96 -5.80 9.05 -11.69
CA HIS A 96 -4.60 9.81 -11.36
C HIS A 96 -4.79 10.52 -10.00
N SER A 97 -5.35 9.78 -9.04
CA SER A 97 -5.68 10.33 -7.71
C SER A 97 -4.84 9.77 -6.55
N ALA A 98 -3.91 8.87 -6.80
CA ALA A 98 -3.13 8.31 -5.70
C ALA A 98 -2.30 9.37 -5.01
N THR A 99 -2.26 9.29 -3.67
CA THR A 99 -1.37 10.14 -2.89
C THR A 99 -0.52 9.30 -1.95
N ALA A 100 -0.94 9.11 -0.70
CA ALA A 100 -0.14 8.36 0.27
C ALA A 100 -0.56 6.93 0.51
N GLN A 101 -1.87 6.68 0.56
CA GLN A 101 -2.35 5.33 0.94
C GLN A 101 -1.91 4.27 -0.04
N PHE A 102 -1.54 3.13 0.51
CA PHE A 102 -1.10 1.99 -0.24
C PHE A 102 -1.80 0.74 0.26
N PHE A 103 -1.64 -0.35 -0.48
CA PHE A 103 -2.12 -1.65 -0.02
C PHE A 103 -1.14 -2.74 -0.42
N ILE A 104 -1.12 -3.79 0.41
CA ILE A 104 -0.35 -4.98 0.15
C ILE A 104 -1.36 -6.07 -0.23
N ASN A 105 -1.20 -6.60 -1.42
CA ASN A 105 -2.02 -7.71 -1.88
C ASN A 105 -1.73 -8.98 -1.08
N VAL A 106 -2.78 -9.69 -0.66
CA VAL A 106 -2.59 -11.00 0.01
C VAL A 106 -3.25 -12.12 -0.78
N ASN A 107 -3.37 -11.90 -2.08
CA ASN A 107 -3.86 -12.86 -3.05
C ASN A 107 -3.43 -12.34 -4.42
N ASP A 108 -3.64 -13.16 -5.43
CA ASP A 108 -3.38 -12.75 -6.79
C ASP A 108 -4.62 -12.05 -7.31
N ASN A 109 -4.64 -10.73 -7.13
CA ASN A 109 -5.83 -9.93 -7.39
C ASN A 109 -5.87 -9.44 -8.84
N GLU A 110 -6.21 -10.35 -9.72
CA GLU A 110 -6.14 -10.10 -11.16
CA GLU A 110 -6.14 -10.09 -11.17
C GLU A 110 -6.97 -8.89 -11.57
N PHE A 111 -8.11 -8.73 -10.91
CA PHE A 111 -9.06 -7.67 -11.26
C PHE A 111 -8.54 -6.25 -10.98
N LEU A 112 -7.44 -6.14 -10.23
CA LEU A 112 -6.82 -4.85 -9.97
C LEU A 112 -5.79 -4.45 -11.02
N ASN A 113 -5.46 -5.36 -11.93
CA ASN A 113 -4.37 -5.14 -12.89
C ASN A 113 -4.80 -4.28 -14.05
N HIS A 114 -3.92 -3.41 -14.46
CA HIS A 114 -4.12 -2.57 -15.63
C HIS A 114 -4.45 -3.40 -16.87
N SER A 115 -5.42 -2.93 -17.64
CA SER A 115 -5.73 -3.48 -18.96
C SER A 115 -5.69 -2.42 -20.05
N SER A 116 -6.07 -1.19 -19.72
CA SER A 116 -6.05 -0.11 -20.69
CA SER A 116 -6.21 -0.11 -20.71
C SER A 116 -6.18 1.22 -19.99
N PRO A 117 -5.81 2.30 -20.69
CA PRO A 117 -5.83 3.62 -20.03
C PRO A 117 -7.21 4.28 -20.12
N THR A 118 -8.15 3.65 -19.41
CA THR A 118 -9.54 4.06 -19.39
C THR A 118 -9.98 4.08 -17.94
N PRO A 119 -11.14 4.70 -17.67
CA PRO A 119 -11.58 4.73 -16.28
C PRO A 119 -11.72 3.35 -15.62
N GLN A 120 -12.25 2.39 -16.36
CA GLN A 120 -12.39 1.01 -15.85
C GLN A 120 -11.10 0.21 -15.89
N GLY A 121 -10.27 0.48 -16.89
CA GLY A 121 -9.11 -0.36 -17.21
C GLY A 121 -7.80 0.05 -16.56
N TRP A 122 -7.75 1.26 -15.98
CA TRP A 122 -6.45 1.77 -15.52
C TRP A 122 -5.79 0.88 -14.46
N GLY A 123 -6.59 0.32 -13.55
CA GLY A 123 -6.03 -0.52 -12.50
C GLY A 123 -5.19 0.20 -11.47
N TYR A 124 -4.41 -0.58 -10.72
CA TYR A 124 -3.75 -0.10 -9.52
C TYR A 124 -2.26 -0.35 -9.68
N ALA A 125 -1.49 0.69 -9.41
CA ALA A 125 -0.07 0.70 -9.73
C ALA A 125 0.77 -0.01 -8.67
N VAL A 126 1.38 -1.13 -9.08
CA VAL A 126 2.31 -1.89 -8.25
C VAL A 126 3.71 -1.26 -8.35
N PHE A 127 4.38 -1.13 -7.22
CA PHE A 127 5.70 -0.50 -7.16
C PHE A 127 6.73 -1.20 -6.27
N GLY A 128 6.41 -2.41 -5.81
CA GLY A 128 7.34 -3.16 -4.99
C GLY A 128 6.74 -4.41 -4.45
N LYS A 129 7.46 -5.04 -3.54
CA LYS A 129 6.99 -6.27 -2.91
C LYS A 129 7.60 -6.41 -1.54
N VAL A 130 6.90 -7.16 -0.70
CA VAL A 130 7.41 -7.53 0.61
C VAL A 130 8.47 -8.61 0.45
N VAL A 131 9.68 -8.33 0.98
CA VAL A 131 10.80 -9.27 0.90
C VAL A 131 11.16 -9.90 2.24
N GLU A 132 10.78 -9.24 3.34
CA GLU A 132 10.88 -9.86 4.66
C GLU A 132 9.63 -9.43 5.45
N GLY A 133 9.19 -10.27 6.37
CA GLY A 133 7.97 -9.99 7.13
C GLY A 133 6.67 -10.40 6.45
N GLN A 134 6.76 -11.35 5.52
CA GLN A 134 5.58 -11.94 4.93
C GLN A 134 4.72 -12.56 6.02
N ASP A 135 5.37 -13.12 7.05
CA ASP A 135 4.61 -13.67 8.15
C ASP A 135 3.84 -12.62 8.93
N ILE A 136 4.35 -11.39 8.99
CA ILE A 136 3.69 -10.27 9.64
C ILE A 136 2.46 -9.86 8.83
N VAL A 137 2.61 -9.80 7.51
CA VAL A 137 1.49 -9.54 6.64
C VAL A 137 0.41 -10.61 6.82
N ASP A 138 0.80 -11.87 6.90
CA ASP A 138 -0.13 -12.98 7.07
C ASP A 138 -0.92 -12.89 8.39
N LYS A 139 -0.28 -12.37 9.42
CA LYS A 139 -0.92 -12.15 10.71
C LYS A 139 -1.90 -10.98 10.63
N ILE A 140 -1.46 -9.89 10.03
CA ILE A 140 -2.31 -8.68 9.93
C ILE A 140 -3.59 -8.97 9.15
N LYS A 141 -3.49 -9.72 8.04
CA LYS A 141 -4.65 -9.94 7.20
C LYS A 141 -5.76 -10.69 7.89
N ALA A 142 -5.43 -11.41 8.96
CA ALA A 142 -6.34 -12.30 9.65
C ALA A 142 -6.94 -11.70 10.91
N VAL A 143 -6.60 -10.44 11.22
CA VAL A 143 -7.15 -9.84 12.47
C VAL A 143 -8.67 -9.64 12.41
N LYS A 144 -9.31 -9.60 13.58
CA LYS A 144 -10.74 -9.35 13.59
C LYS A 144 -11.05 -7.94 13.12
N THR A 145 -12.08 -7.80 12.29
CA THR A 145 -12.50 -6.50 11.74
C THR A 145 -13.99 -6.26 11.93
N GLY A 146 -14.38 -5.00 11.84
CA GLY A 146 -15.78 -4.63 11.95
C GLY A 146 -16.61 -5.08 10.77
N SER A 147 -17.92 -5.22 11.00
CA SER A 147 -18.84 -5.59 9.93
C SER A 147 -19.65 -4.38 9.45
N HIS A 151 -17.42 0.96 10.62
CA HIS A 151 -16.56 -0.10 11.13
C HIS A 151 -16.13 -1.10 10.07
N GLN A 152 -16.78 -1.13 8.91
CA GLN A 152 -16.63 -2.23 7.96
C GLN A 152 -15.17 -2.39 7.51
N ASP A 153 -14.63 -3.60 7.76
CA ASP A 153 -13.24 -4.00 7.43
C ASP A 153 -12.16 -3.21 8.19
N VAL A 154 -12.57 -2.47 9.21
CA VAL A 154 -11.61 -1.78 10.08
C VAL A 154 -11.21 -2.72 11.21
N PRO A 155 -9.89 -2.95 11.41
CA PRO A 155 -9.48 -3.84 12.53
C PRO A 155 -10.05 -3.39 13.88
N ASN A 156 -10.56 -4.33 14.66
CA ASN A 156 -11.05 -4.02 16.00
C ASN A 156 -9.95 -3.40 16.86
N ASP A 157 -8.74 -3.96 16.75
CA ASP A 157 -7.58 -3.46 17.44
C ASP A 157 -6.66 -2.81 16.39
N ASP A 158 -6.25 -1.55 16.62
CA ASP A 158 -5.45 -0.83 15.63
C ASP A 158 -4.20 -1.57 15.23
N VAL A 159 -3.96 -1.64 13.91
CA VAL A 159 -2.72 -2.15 13.33
C VAL A 159 -1.97 -0.91 12.86
N VAL A 160 -0.96 -0.53 13.62
CA VAL A 160 -0.30 0.75 13.55
C VAL A 160 1.06 0.62 12.86
N ILE A 161 1.31 1.47 11.87
CA ILE A 161 2.64 1.69 11.34
C ILE A 161 3.28 2.72 12.29
N GLU A 162 4.11 2.26 13.22
CA GLU A 162 4.73 3.14 14.17
C GLU A 162 5.80 4.05 13.59
N LYS A 163 6.59 3.49 12.68
CA LYS A 163 7.62 4.24 11.93
C LYS A 163 7.87 3.57 10.59
N ALA A 164 8.01 4.36 9.54
CA ALA A 164 8.48 3.88 8.25
C ALA A 164 9.85 4.51 8.02
N VAL A 165 10.83 3.71 7.62
CA VAL A 165 12.19 4.19 7.41
C VAL A 165 12.81 3.59 6.17
N VAL A 166 13.58 4.41 5.46
CA VAL A 166 14.39 3.96 4.33
C VAL A 166 15.66 3.30 4.87
N VAL A 167 15.98 2.11 4.36
CA VAL A 167 17.14 1.36 4.83
C VAL A 167 18.02 0.87 3.69
C1 EDO B . -8.12 -1.79 -4.03
O1 EDO B . -9.48 -1.54 -3.72
C2 EDO B . -7.33 -1.67 -2.74
O2 EDO B . -7.23 -0.28 -2.38
C1 PEG C . 6.62 -6.18 -7.88
O1 PEG C . 6.66 -7.56 -8.28
C2 PEG C . 8.01 -5.55 -8.09
O2 PEG C . 8.82 -5.89 -6.98
C3 PEG C . 10.02 -5.12 -6.88
C4 PEG C . 10.89 -5.66 -5.76
O4 PEG C . 11.44 -6.93 -6.12
C1 PEG D . 5.02 2.77 -17.46
O1 PEG D . 4.23 3.78 -18.08
C2 PEG D . 5.60 3.40 -16.21
O2 PEG D . 6.44 4.51 -16.57
C3 PEG D . 7.81 4.14 -16.68
C4 PEG D . 8.68 5.36 -16.97
O4 PEG D . 9.86 4.92 -17.66
#